data_8GFF
#
_entry.id   8GFF
#
_cell.length_a   176.900
_cell.length_b   176.900
_cell.length_c   176.900
_cell.angle_alpha   90.000
_cell.angle_beta   90.000
_cell.angle_gamma   90.000
#
_symmetry.space_group_name_H-M   'I 2 3'
#
loop_
_entity.id
_entity.type
_entity.pdbx_description
1 polymer 'Lytic transglycosylase domain-containing protein'
2 non-polymer 'cyclohexylmethyl 2-acetamido-2-deoxy-beta-D-glucopyranoside'
3 non-polymer 'CITRIC ACID'
4 non-polymer 'DIMETHYL SULFOXIDE'
5 water water
#
_entity_poly.entity_id   1
_entity_poly.type   'polypeptide(L)'
_entity_poly.pdbx_seq_one_letter_code
;MGSSHHHHHHSSGLVPRGSHMQYSIEKLKKEENSLAKDYYIYRLLEKNKISKKDAQDLNSHIFRYIGKIKSELEKIIPLK
PYINPKYAKCYTYTANTILDANLTCQSVRLNSLVFIASLNSKDRTTLAQTFKNQRPDLTNLLLAFNTSDPMSYIVQKEDI
NGFFKLYNYSKKYDLDLNTSLVNKLPNHIGFKDFAQNIIIKKENPKFRHSMLEINPENVSEDSAFYLGVNALTYDKTELA
YDFFKKAAQSFKSQSNKDNAIFWMWLIKNNEEDLKTLSQSSSLNIYSLYAKELTNTPFPKIESLNPSKKKNNFNMQDPFA
WQKINKQIRDANASQLDVLAKEFDTQETLPIYAYILERKNNFKKHYFIMPYYDNIKDYNKTRQALILAIARQESRFIPTA
ISVSYALGMMQFMPFLANHIGEKELKIPNFDQDFMFKPEIAYYFGNYHLNYLESRLKSPLFVAYAYNGGIGFTNRMLARN
DMFKTGKFEPFLSMELVPYQESRIYGKKVLANYIVYRHLLNDSIKISDIFENLIQNKANDLNKS
;
_entity_poly.pdbx_strand_id   A
#
loop_
_chem_comp.id
_chem_comp.type
_chem_comp.name
_chem_comp.formula
CIT non-polymer 'CITRIC ACID' 'C6 H8 O7'
DMS non-polymer 'DIMETHYL SULFOXIDE' 'C2 H6 O S'
ZHE non-polymer 'cyclohexylmethyl 2-acetamido-2-deoxy-beta-D-glucopyranoside' 'C15 H27 N O6'
#
# COMPACT_ATOMS: atom_id res chain seq x y z
N GLN A 22 13.42 -14.37 25.72
CA GLN A 22 12.72 -14.95 24.55
C GLN A 22 11.82 -16.09 25.00
N TYR A 23 10.77 -16.35 24.21
CA TYR A 23 9.75 -17.35 24.54
C TYR A 23 10.01 -18.62 23.74
N SER A 24 9.82 -19.77 24.41
CA SER A 24 9.88 -21.09 23.78
C SER A 24 8.67 -21.31 22.88
N ILE A 25 8.75 -22.28 21.96
CA ILE A 25 7.65 -22.58 21.07
C ILE A 25 6.42 -23.05 21.87
N GLU A 26 6.65 -23.77 22.97
CA GLU A 26 5.58 -24.29 23.80
C GLU A 26 4.78 -23.15 24.39
N LYS A 27 5.48 -22.10 24.84
CA LYS A 27 4.84 -20.94 25.47
C LYS A 27 4.13 -20.08 24.43
N LEU A 28 4.74 -19.89 23.25
CA LEU A 28 4.11 -19.15 22.17
C LEU A 28 2.80 -19.83 21.76
N LYS A 29 2.79 -21.16 21.76
CA LYS A 29 1.60 -21.90 21.33
C LYS A 29 0.40 -21.63 22.24
N LYS A 30 0.61 -21.14 23.48
CA LYS A 30 -0.49 -20.83 24.40
C LYS A 30 -1.08 -19.45 24.10
N GLU A 31 -0.39 -18.62 23.32
CA GLU A 31 -0.88 -17.29 22.98
C GLU A 31 -1.85 -17.39 21.80
N GLU A 32 -2.79 -16.43 21.75
CA GLU A 32 -3.71 -16.30 20.63
C GLU A 32 -2.90 -16.04 19.36
N ASN A 33 -3.40 -16.54 18.22
CA ASN A 33 -2.80 -16.28 16.93
C ASN A 33 -2.84 -14.77 16.68
N SER A 34 -1.70 -14.21 16.22
CA SER A 34 -1.56 -12.78 15.99
C SER A 34 -0.23 -12.54 15.30
N LEU A 35 -0.05 -11.31 14.79
CA LEU A 35 1.21 -10.90 14.19
C LEU A 35 2.35 -10.95 15.21
N ALA A 36 2.08 -10.74 16.50
CA ALA A 36 3.12 -10.78 17.51
C ALA A 36 3.60 -12.22 17.67
N LYS A 37 2.64 -13.15 17.70
CA LYS A 37 2.99 -14.56 17.81
C LYS A 37 3.75 -15.00 16.57
N ASP A 38 3.29 -14.58 15.38
CA ASP A 38 3.96 -14.89 14.14
C ASP A 38 5.41 -14.40 14.15
N TYR A 39 5.60 -13.14 14.57
CA TYR A 39 6.92 -12.54 14.69
C TYR A 39 7.83 -13.42 15.55
N TYR A 40 7.38 -13.82 16.75
CA TYR A 40 8.24 -14.59 17.65
C TYR A 40 8.48 -16.01 17.14
N ILE A 41 7.54 -16.60 16.40
CA ILE A 41 7.78 -17.87 15.72
C ILE A 41 8.84 -17.70 14.63
N TYR A 42 8.73 -16.61 13.87
CA TYR A 42 9.70 -16.31 12.83
C TYR A 42 11.11 -16.16 13.43
N ARG A 43 11.21 -15.55 14.60
CA ARG A 43 12.51 -15.37 15.25
C ARG A 43 13.11 -16.73 15.64
N LEU A 44 12.29 -17.66 16.12
CA LEU A 44 12.77 -19.02 16.39
C LEU A 44 13.24 -19.69 15.10
N LEU A 45 12.50 -19.51 14.00
CA LEU A 45 12.87 -20.13 12.73
C LEU A 45 14.19 -19.58 12.21
N GLU A 46 14.37 -18.24 12.28
CA GLU A 46 15.58 -17.68 11.70
C GLU A 46 16.80 -18.07 12.54
N LYS A 47 16.62 -18.44 13.82
CA LYS A 47 17.72 -18.89 14.66
C LYS A 47 17.81 -20.42 14.70
N ASN A 48 17.07 -21.08 13.82
CA ASN A 48 17.12 -22.54 13.61
C ASN A 48 16.70 -23.29 14.86
N LYS A 49 15.76 -22.74 15.64
CA LYS A 49 15.39 -23.34 16.91
C LYS A 49 14.08 -24.14 16.80
N ILE A 50 13.46 -24.22 15.61
CA ILE A 50 12.26 -25.02 15.39
C ILE A 50 12.67 -26.33 14.70
N SER A 51 12.54 -27.42 15.44
CA SER A 51 12.80 -28.75 14.90
C SER A 51 11.71 -29.19 13.93
N LYS A 52 12.02 -30.20 13.10
CA LYS A 52 11.03 -30.79 12.22
C LYS A 52 9.80 -31.27 13.02
N LYS A 53 10.01 -31.73 14.25
CA LYS A 53 8.93 -32.21 15.10
C LYS A 53 8.07 -31.06 15.62
N ASP A 54 8.71 -29.97 16.07
CA ASP A 54 8.00 -28.77 16.48
C ASP A 54 7.18 -28.23 15.30
N ALA A 55 7.72 -28.35 14.08
CA ALA A 55 7.10 -27.75 12.91
C ALA A 55 5.80 -28.44 12.50
N GLN A 56 5.52 -29.67 13.00
CA GLN A 56 4.40 -30.47 12.47
C GLN A 56 3.08 -29.70 12.52
N ASP A 57 2.70 -29.17 13.69
CA ASP A 57 1.35 -28.62 13.84
C ASP A 57 1.31 -27.11 13.63
N LEU A 58 2.38 -26.52 13.07
CA LEU A 58 2.69 -25.13 13.35
C LEU A 58 1.85 -24.19 12.48
N ASN A 59 1.49 -24.61 11.25
CA ASN A 59 0.72 -23.78 10.31
C ASN A 59 -0.64 -23.36 10.90
N SER A 60 -1.19 -24.13 11.85
CA SER A 60 -2.40 -23.77 12.59
C SER A 60 -2.13 -22.73 13.68
N HIS A 61 -0.85 -22.46 13.96
CA HIS A 61 -0.45 -21.52 14.99
C HIS A 61 -0.01 -20.18 14.38
N ILE A 62 -0.12 -20.06 13.06
CA ILE A 62 0.35 -18.89 12.35
C ILE A 62 -0.87 -18.07 11.91
N PHE A 63 -0.87 -16.77 12.30
CA PHE A 63 -1.97 -15.86 12.04
C PHE A 63 -2.01 -15.50 10.56
N ARG A 64 -0.86 -15.20 9.96
CA ARG A 64 -0.79 -14.80 8.57
C ARG A 64 0.31 -15.57 7.86
N TYR A 65 -0.10 -16.68 7.21
CA TYR A 65 0.84 -17.63 6.65
C TYR A 65 1.23 -17.18 5.25
N ILE A 66 2.02 -16.09 5.20
CA ILE A 66 2.43 -15.47 3.94
C ILE A 66 3.87 -14.96 4.10
N GLY A 67 4.65 -14.99 3.02
CA GLY A 67 5.95 -14.35 2.99
C GLY A 67 7.04 -15.16 3.69
N LYS A 68 7.92 -14.49 4.45
CA LYS A 68 9.13 -15.10 4.96
C LYS A 68 8.83 -16.24 5.94
N ILE A 69 7.79 -16.09 6.79
CA ILE A 69 7.47 -17.14 7.75
C ILE A 69 7.06 -18.42 7.02
N LYS A 70 6.39 -18.25 5.86
CA LYS A 70 5.95 -19.37 5.04
C LYS A 70 7.16 -20.00 4.35
N SER A 71 8.09 -19.20 3.83
CA SER A 71 9.29 -19.74 3.19
C SER A 71 10.16 -20.49 4.20
N GLU A 72 10.30 -19.94 5.41
CA GLU A 72 11.13 -20.56 6.45
C GLU A 72 10.51 -21.87 6.90
N LEU A 73 9.19 -21.87 7.10
CA LEU A 73 8.56 -23.09 7.60
C LEU A 73 8.72 -24.20 6.54
N GLU A 74 8.69 -23.82 5.25
CA GLU A 74 8.62 -24.78 4.17
C GLU A 74 10.00 -25.36 3.86
N LYS A 75 11.08 -24.71 4.32
CA LYS A 75 12.40 -25.30 4.27
C LYS A 75 12.51 -26.45 5.26
N ILE A 76 11.66 -26.45 6.30
CA ILE A 76 11.63 -27.53 7.28
C ILE A 76 10.63 -28.61 6.84
N ILE A 77 9.42 -28.18 6.43
CA ILE A 77 8.40 -29.11 5.97
C ILE A 77 7.81 -28.57 4.66
N PRO A 78 8.25 -29.05 3.46
CA PRO A 78 7.63 -28.62 2.21
C PRO A 78 6.12 -28.88 2.27
N LEU A 79 5.33 -28.09 1.52
CA LEU A 79 3.99 -28.54 1.19
C LEU A 79 3.98 -28.98 -0.28
N LYS A 80 3.51 -30.22 -0.49
CA LYS A 80 3.03 -30.66 -1.79
C LYS A 80 1.80 -29.83 -2.16
N PRO A 81 0.74 -29.80 -1.30
CA PRO A 81 -0.55 -29.19 -1.66
C PRO A 81 -0.56 -28.11 -2.74
N TYR A 82 -1.72 -27.87 -3.37
CA TYR A 82 -2.96 -28.61 -3.17
C TYR A 82 -3.70 -28.72 -4.49
N ILE A 83 -4.01 -29.96 -4.88
CA ILE A 83 -4.81 -30.22 -6.06
C ILE A 83 -6.15 -30.78 -5.60
N ASN A 84 -7.23 -30.08 -5.97
CA ASN A 84 -8.58 -30.54 -5.71
C ASN A 84 -8.68 -32.02 -6.05
N PRO A 85 -8.89 -32.93 -5.07
CA PRO A 85 -8.98 -34.36 -5.34
C PRO A 85 -9.78 -34.77 -6.57
N LYS A 86 -10.82 -34.00 -6.89
CA LYS A 86 -11.71 -34.29 -8.00
C LYS A 86 -10.98 -34.21 -9.34
N TYR A 87 -9.96 -33.33 -9.45
CA TYR A 87 -9.28 -33.06 -10.70
C TYR A 87 -7.86 -33.63 -10.74
N ALA A 88 -7.51 -34.52 -9.80
CA ALA A 88 -6.14 -35.01 -9.70
C ALA A 88 -5.72 -35.65 -11.02
N LYS A 89 -6.61 -36.45 -11.60
CA LYS A 89 -6.28 -37.22 -12.79
C LYS A 89 -5.92 -36.28 -13.93
N CYS A 90 -6.52 -35.07 -13.93
CA CYS A 90 -6.31 -34.10 -15.00
C CYS A 90 -4.85 -33.65 -15.03
N TYR A 91 -4.17 -33.71 -13.88
CA TYR A 91 -2.79 -33.25 -13.80
C TYR A 91 -1.80 -34.39 -14.06
N THR A 92 -2.28 -35.58 -14.46
CA THR A 92 -1.40 -36.65 -14.94
C THR A 92 -1.09 -36.51 -16.44
N TYR A 93 -1.79 -35.61 -17.13
CA TYR A 93 -1.57 -35.40 -18.56
C TYR A 93 -0.53 -34.29 -18.76
N THR A 94 0.14 -34.34 -19.91
CA THR A 94 1.02 -33.26 -20.34
C THR A 94 0.52 -32.74 -21.68
N ALA A 95 1.23 -31.76 -22.24
CA ALA A 95 0.97 -31.24 -23.57
C ALA A 95 0.96 -32.34 -24.62
N ASN A 96 1.79 -33.38 -24.44
CA ASN A 96 1.90 -34.48 -25.40
C ASN A 96 0.71 -35.43 -25.31
N THR A 97 -0.01 -35.48 -24.19
CA THR A 97 -1.02 -36.51 -24.02
C THR A 97 -2.42 -35.94 -23.78
N ILE A 98 -2.61 -34.62 -23.96
CA ILE A 98 -3.85 -33.99 -23.52
C ILE A 98 -5.03 -34.42 -24.40
N LEU A 99 -4.77 -34.85 -25.64
CA LEU A 99 -5.84 -35.33 -26.50
C LEU A 99 -6.40 -36.68 -26.06
N ASP A 100 -5.70 -37.37 -25.14
CA ASP A 100 -6.17 -38.61 -24.54
C ASP A 100 -7.07 -38.33 -23.34
N ALA A 101 -7.10 -37.09 -22.85
CA ALA A 101 -7.83 -36.78 -21.63
C ALA A 101 -9.31 -36.58 -21.95
N ASN A 102 -10.16 -36.87 -20.97
CA ASN A 102 -11.59 -36.62 -21.11
C ASN A 102 -11.80 -35.11 -21.22
N LEU A 103 -13.01 -34.73 -21.59
CA LEU A 103 -13.31 -33.35 -21.94
C LEU A 103 -13.20 -32.44 -20.72
N THR A 104 -13.63 -32.91 -19.55
CA THR A 104 -13.48 -32.12 -18.34
C THR A 104 -12.01 -31.83 -18.05
N CYS A 105 -11.16 -32.85 -18.17
CA CYS A 105 -9.72 -32.69 -17.95
C CYS A 105 -9.12 -31.71 -18.97
N GLN A 106 -9.53 -31.82 -20.24
CA GLN A 106 -9.06 -30.90 -21.27
C GLN A 106 -9.40 -29.45 -20.88
N SER A 107 -10.62 -29.19 -20.43
CA SER A 107 -10.98 -27.80 -20.16
C SER A 107 -10.28 -27.26 -18.91
N VAL A 108 -10.08 -28.12 -17.90
CA VAL A 108 -9.36 -27.72 -16.70
C VAL A 108 -7.91 -27.28 -17.03
N ARG A 109 -7.19 -28.06 -17.84
CA ARG A 109 -5.80 -27.76 -18.15
C ARG A 109 -5.69 -26.50 -19.02
N LEU A 110 -6.74 -26.17 -19.79
CA LEU A 110 -6.73 -25.02 -20.69
C LEU A 110 -7.02 -23.70 -19.96
N ASN A 111 -7.24 -23.75 -18.65
CA ASN A 111 -7.23 -22.55 -17.83
C ASN A 111 -5.85 -21.88 -17.78
N SER A 112 -4.79 -22.61 -18.14
CA SER A 112 -3.42 -22.09 -18.06
C SER A 112 -2.93 -21.69 -19.45
N LEU A 113 -2.57 -20.41 -19.63
CA LEU A 113 -2.08 -19.94 -20.91
C LEU A 113 -0.68 -20.47 -21.22
N VAL A 114 0.13 -20.69 -20.18
CA VAL A 114 1.41 -21.37 -20.39
C VAL A 114 1.13 -22.77 -20.97
N PHE A 115 0.15 -23.48 -20.41
CA PHE A 115 -0.20 -24.79 -20.96
C PHE A 115 -0.59 -24.67 -22.43
N ILE A 116 -1.48 -23.72 -22.75
CA ILE A 116 -1.88 -23.50 -24.14
C ILE A 116 -0.66 -23.20 -25.03
N ALA A 117 0.24 -22.32 -24.56
CA ALA A 117 1.44 -21.97 -25.32
C ALA A 117 2.31 -23.20 -25.59
N SER A 118 2.30 -24.18 -24.68
CA SER A 118 3.17 -25.36 -24.80
C SER A 118 2.61 -26.36 -25.83
N LEU A 119 1.34 -26.24 -26.20
CA LEU A 119 0.73 -27.21 -27.11
C LEU A 119 1.29 -27.02 -28.50
N ASN A 120 1.23 -28.06 -29.33
CA ASN A 120 1.53 -27.86 -30.72
C ASN A 120 0.28 -27.34 -31.43
N SER A 121 0.51 -26.71 -32.57
CA SER A 121 -0.52 -25.93 -33.22
C SER A 121 -1.65 -26.80 -33.78
N LYS A 122 -1.33 -28.03 -34.24
CA LYS A 122 -2.37 -28.96 -34.70
C LYS A 122 -3.34 -29.27 -33.57
N ASP A 123 -2.83 -29.48 -32.35
CA ASP A 123 -3.67 -29.82 -31.21
C ASP A 123 -4.48 -28.59 -30.78
N ARG A 124 -3.91 -27.38 -30.92
CA ARG A 124 -4.66 -26.17 -30.62
C ARG A 124 -5.86 -26.05 -31.58
N THR A 125 -5.65 -26.40 -32.87
CA THR A 125 -6.71 -26.37 -33.86
C THR A 125 -7.80 -27.39 -33.51
N THR A 126 -7.40 -28.59 -33.07
CA THR A 126 -8.33 -29.66 -32.74
C THR A 126 -9.17 -29.26 -31.53
N LEU A 127 -8.48 -28.83 -30.47
CA LEU A 127 -9.15 -28.40 -29.25
C LEU A 127 -10.07 -27.20 -29.49
N ALA A 128 -9.65 -26.26 -30.36
CA ALA A 128 -10.46 -25.08 -30.65
C ALA A 128 -11.83 -25.47 -31.23
N GLN A 129 -11.83 -26.44 -32.15
CA GLN A 129 -13.06 -27.01 -32.69
C GLN A 129 -13.90 -27.68 -31.61
N THR A 130 -13.28 -28.53 -30.79
CA THR A 130 -13.97 -29.21 -29.69
C THR A 130 -14.75 -28.22 -28.83
N PHE A 131 -14.17 -27.03 -28.58
CA PHE A 131 -14.70 -26.14 -27.57
C PHE A 131 -15.47 -24.95 -28.15
N LYS A 132 -15.59 -24.84 -29.48
CA LYS A 132 -16.14 -23.63 -30.07
C LYS A 132 -17.57 -23.33 -29.61
N ASN A 133 -18.39 -24.37 -29.43
CA ASN A 133 -19.78 -24.19 -29.01
C ASN A 133 -19.88 -23.78 -27.55
N GLN A 134 -19.34 -24.60 -26.63
CA GLN A 134 -19.59 -24.41 -25.21
C GLN A 134 -18.57 -23.47 -24.54
N ARG A 135 -17.33 -23.40 -25.08
CA ARG A 135 -16.29 -22.60 -24.44
C ARG A 135 -15.56 -21.78 -25.51
N PRO A 136 -16.25 -20.80 -26.15
CA PRO A 136 -15.64 -19.96 -27.17
C PRO A 136 -14.48 -19.12 -26.62
N ASP A 137 -14.46 -18.89 -25.30
CA ASP A 137 -13.32 -18.26 -24.65
C ASP A 137 -12.05 -19.12 -24.84
N LEU A 138 -12.16 -20.43 -24.70
CA LEU A 138 -11.02 -21.33 -24.90
C LEU A 138 -10.63 -21.34 -26.37
N THR A 139 -11.61 -21.45 -27.26
CA THR A 139 -11.37 -21.42 -28.69
C THR A 139 -10.56 -20.19 -29.09
N ASN A 140 -10.95 -19.02 -28.57
CA ASN A 140 -10.29 -17.77 -28.92
C ASN A 140 -8.81 -17.78 -28.52
N LEU A 141 -8.51 -18.30 -27.32
CA LEU A 141 -7.13 -18.34 -26.85
C LEU A 141 -6.31 -19.38 -27.62
N LEU A 142 -6.90 -20.54 -27.88
CA LEU A 142 -6.23 -21.60 -28.63
C LEU A 142 -5.84 -21.08 -30.00
N LEU A 143 -6.79 -20.48 -30.73
CA LEU A 143 -6.49 -19.98 -32.05
C LEU A 143 -5.55 -18.79 -31.97
N ALA A 144 -5.63 -17.98 -30.89
CA ALA A 144 -4.75 -16.83 -30.75
C ALA A 144 -3.29 -17.28 -30.69
N PHE A 145 -3.04 -18.39 -30.00
CA PHE A 145 -1.69 -18.89 -29.79
C PHE A 145 -1.13 -19.62 -31.03
N ASN A 146 -1.98 -19.88 -32.03
CA ASN A 146 -1.52 -20.33 -33.34
C ASN A 146 -1.04 -19.17 -34.20
N THR A 147 -1.12 -17.91 -33.71
CA THR A 147 -0.60 -16.77 -34.47
C THR A 147 0.67 -16.27 -33.81
N SER A 148 1.39 -15.41 -34.53
CA SER A 148 2.58 -14.78 -33.99
C SER A 148 2.25 -13.64 -33.02
N ASP A 149 0.97 -13.20 -32.91
CA ASP A 149 0.63 -12.20 -31.90
C ASP A 149 -0.74 -12.51 -31.29
N PRO A 150 -0.79 -13.30 -30.21
CA PRO A 150 -2.05 -13.72 -29.60
C PRO A 150 -2.88 -12.50 -29.15
N MET A 151 -2.21 -11.41 -28.72
CA MET A 151 -2.92 -10.23 -28.22
C MET A 151 -3.72 -9.57 -29.36
N SER A 152 -3.14 -9.54 -30.56
CA SER A 152 -3.78 -8.97 -31.72
C SER A 152 -5.06 -9.71 -32.08
N TYR A 153 -5.00 -11.04 -31.99
CA TYR A 153 -6.12 -11.91 -32.30
C TYR A 153 -7.24 -11.69 -31.28
N ILE A 154 -6.90 -11.68 -29.98
CA ILE A 154 -7.89 -11.47 -28.91
C ILE A 154 -8.51 -10.08 -29.02
N VAL A 155 -7.72 -9.07 -29.38
CA VAL A 155 -8.21 -7.69 -29.49
C VAL A 155 -9.18 -7.57 -30.66
N GLN A 156 -8.91 -8.28 -31.78
CA GLN A 156 -9.82 -8.28 -32.92
C GLN A 156 -11.14 -8.96 -32.55
N LYS A 157 -11.12 -9.99 -31.69
CA LYS A 157 -12.34 -10.63 -31.23
C LYS A 157 -13.06 -9.80 -30.15
N GLU A 158 -12.39 -8.81 -29.57
CA GLU A 158 -12.90 -8.01 -28.45
C GLU A 158 -13.30 -8.94 -27.30
N ASP A 159 -12.46 -9.97 -27.05
CA ASP A 159 -12.69 -10.92 -25.97
C ASP A 159 -12.04 -10.34 -24.72
N ILE A 160 -12.86 -9.75 -23.85
CA ILE A 160 -12.39 -9.01 -22.69
C ILE A 160 -11.73 -9.95 -21.67
N ASN A 161 -12.34 -11.09 -21.35
CA ASN A 161 -11.74 -12.01 -20.40
C ASN A 161 -10.38 -12.50 -20.92
N GLY A 162 -10.31 -12.76 -22.22
CA GLY A 162 -9.10 -13.19 -22.90
C GLY A 162 -8.01 -12.13 -22.84
N PHE A 163 -8.38 -10.86 -23.02
CA PHE A 163 -7.45 -9.76 -22.94
C PHE A 163 -6.74 -9.77 -21.59
N PHE A 164 -7.51 -9.86 -20.50
CA PHE A 164 -6.91 -9.78 -19.18
C PHE A 164 -6.07 -11.04 -18.87
N LYS A 165 -6.51 -12.23 -19.33
CA LYS A 165 -5.71 -13.43 -19.17
C LYS A 165 -4.38 -13.27 -19.90
N LEU A 166 -4.37 -12.70 -21.09
CA LEU A 166 -3.12 -12.50 -21.86
C LEU A 166 -2.21 -11.50 -21.19
N TYR A 167 -2.81 -10.42 -20.65
CA TYR A 167 -2.05 -9.44 -19.90
C TYR A 167 -1.43 -10.04 -18.62
N ASN A 168 -2.16 -10.84 -17.87
CA ASN A 168 -1.63 -11.52 -16.69
C ASN A 168 -0.50 -12.50 -17.06
N TYR A 169 -0.63 -13.15 -18.22
CA TYR A 169 0.38 -14.05 -18.79
C TYR A 169 1.63 -13.27 -19.17
N SER A 170 1.49 -12.15 -19.88
CA SER A 170 2.65 -11.39 -20.29
C SER A 170 2.28 -9.92 -20.45
N LYS A 171 2.99 -9.09 -19.69
CA LYS A 171 2.92 -7.63 -19.75
C LYS A 171 3.57 -7.05 -20.99
N LYS A 172 4.22 -7.87 -21.83
CA LYS A 172 4.99 -7.35 -22.95
C LYS A 172 4.11 -7.06 -24.16
N TYR A 173 2.95 -7.73 -24.30
CA TYR A 173 2.06 -7.42 -25.40
C TYR A 173 1.65 -5.96 -25.27
N ASP A 174 1.65 -5.27 -26.41
CA ASP A 174 1.21 -3.88 -26.46
C ASP A 174 0.66 -3.59 -27.86
N LEU A 175 -0.52 -2.97 -27.93
CA LEU A 175 -1.20 -2.76 -29.20
C LEU A 175 -2.17 -1.60 -29.02
N ASP A 176 -2.47 -0.88 -30.11
CA ASP A 176 -3.53 0.11 -30.07
C ASP A 176 -4.89 -0.56 -29.95
N LEU A 177 -5.77 0.04 -29.14
CA LEU A 177 -7.10 -0.48 -28.87
C LEU A 177 -8.10 0.58 -29.31
N ASN A 178 -9.17 0.20 -29.99
CA ASN A 178 -10.08 1.18 -30.54
C ASN A 178 -11.08 1.62 -29.45
N THR A 179 -11.91 2.60 -29.76
CA THR A 179 -12.78 3.23 -28.77
C THR A 179 -13.76 2.20 -28.20
N SER A 180 -14.30 1.35 -29.05
CA SER A 180 -15.24 0.33 -28.62
C SER A 180 -14.63 -0.62 -27.60
N LEU A 181 -13.44 -1.16 -27.92
CA LEU A 181 -12.76 -2.09 -27.03
C LEU A 181 -12.35 -1.46 -25.70
N VAL A 182 -11.72 -0.28 -25.71
CA VAL A 182 -11.20 0.28 -24.47
C VAL A 182 -12.35 0.59 -23.51
N ASN A 183 -13.53 0.96 -24.04
CA ASN A 183 -14.70 1.25 -23.21
C ASN A 183 -15.31 -0.01 -22.62
N LYS A 184 -14.94 -1.20 -23.12
CA LYS A 184 -15.42 -2.44 -22.50
C LYS A 184 -14.51 -2.90 -21.37
N LEU A 185 -13.24 -2.49 -21.37
CA LEU A 185 -12.27 -3.02 -20.41
C LEU A 185 -12.65 -2.68 -18.97
N PRO A 186 -13.16 -1.45 -18.64
CA PRO A 186 -13.41 -1.10 -17.24
C PRO A 186 -14.36 -2.01 -16.47
N ASN A 187 -15.21 -2.78 -17.16
CA ASN A 187 -16.21 -3.64 -16.54
C ASN A 187 -15.58 -4.88 -15.91
N HIS A 188 -14.29 -5.15 -16.19
CA HIS A 188 -13.63 -6.34 -15.71
C HIS A 188 -12.89 -6.00 -14.40
N ILE A 189 -12.85 -6.93 -13.44
CA ILE A 189 -12.26 -6.65 -12.13
C ILE A 189 -10.77 -6.32 -12.24
N GLY A 190 -10.11 -6.84 -13.28
CA GLY A 190 -8.68 -6.62 -13.50
C GLY A 190 -8.33 -5.23 -14.00
N PHE A 191 -9.34 -4.41 -14.40
CA PHE A 191 -9.03 -3.14 -15.06
C PHE A 191 -8.27 -2.17 -14.13
N LYS A 192 -8.68 -2.04 -12.86
CA LYS A 192 -8.09 -1.03 -12.00
C LYS A 192 -6.56 -1.22 -11.83
N ASP A 193 -6.13 -2.45 -11.56
CA ASP A 193 -4.72 -2.78 -11.41
C ASP A 193 -3.95 -2.68 -12.72
N PHE A 194 -4.58 -3.12 -13.82
CA PHE A 194 -4.05 -2.90 -15.16
C PHE A 194 -3.74 -1.43 -15.42
N ALA A 195 -4.73 -0.53 -15.23
CA ALA A 195 -4.54 0.88 -15.52
C ALA A 195 -3.49 1.46 -14.58
N GLN A 196 -3.58 1.13 -13.30
CA GLN A 196 -2.65 1.70 -12.34
C GLN A 196 -1.22 1.30 -12.74
N ASN A 197 -1.03 0.01 -13.00
CA ASN A 197 0.28 -0.54 -13.28
C ASN A 197 0.90 0.12 -14.51
N ILE A 198 0.18 0.18 -15.64
CA ILE A 198 0.79 0.67 -16.86
C ILE A 198 1.02 2.18 -16.78
N ILE A 199 0.13 2.91 -16.09
CA ILE A 199 0.28 4.37 -15.98
C ILE A 199 1.44 4.74 -15.06
N ILE A 200 1.51 4.13 -13.87
CA ILE A 200 2.55 4.44 -12.89
C ILE A 200 3.92 3.97 -13.40
N LYS A 201 3.98 2.82 -14.06
CA LYS A 201 5.25 2.24 -14.52
C LYS A 201 5.65 2.82 -15.87
N LYS A 202 4.73 3.53 -16.54
CA LYS A 202 5.00 4.13 -17.83
C LYS A 202 5.35 3.01 -18.80
N GLU A 203 4.55 1.95 -18.76
CA GLU A 203 4.72 0.82 -19.65
C GLU A 203 3.56 0.78 -20.64
N ASN A 204 3.69 -0.08 -21.64
CA ASN A 204 2.63 -0.35 -22.60
C ASN A 204 2.07 0.97 -23.14
N PRO A 205 2.87 1.75 -23.91
CA PRO A 205 2.44 3.04 -24.43
C PRO A 205 1.27 3.03 -25.40
N LYS A 206 1.08 1.96 -26.17
CA LYS A 206 -0.07 1.90 -27.04
C LYS A 206 -1.35 1.72 -26.23
N PHE A 207 -1.28 0.87 -25.20
CA PHE A 207 -2.40 0.72 -24.28
C PHE A 207 -2.70 2.06 -23.60
N ARG A 208 -1.64 2.72 -23.10
CA ARG A 208 -1.80 4.00 -22.38
C ARG A 208 -2.47 5.05 -23.25
N HIS A 209 -1.99 5.21 -24.48
CA HIS A 209 -2.55 6.17 -25.42
C HIS A 209 -4.02 5.86 -25.75
N SER A 210 -4.33 4.57 -25.84
CA SER A 210 -5.65 4.09 -26.18
C SER A 210 -6.66 4.48 -25.09
N MET A 211 -6.20 4.51 -23.84
CA MET A 211 -7.06 4.72 -22.68
C MET A 211 -7.48 6.19 -22.56
N LEU A 212 -6.95 7.06 -23.43
CA LEU A 212 -7.45 8.43 -23.58
C LEU A 212 -8.89 8.46 -24.11
N GLU A 213 -9.36 7.37 -24.73
CA GLU A 213 -10.68 7.38 -25.37
C GLU A 213 -11.75 6.70 -24.50
N ILE A 214 -11.40 6.37 -23.26
CA ILE A 214 -12.37 5.82 -22.34
C ILE A 214 -13.29 6.97 -21.92
N ASN A 215 -14.60 6.72 -22.02
CA ASN A 215 -15.63 7.66 -21.60
C ASN A 215 -15.61 7.70 -20.07
N PRO A 216 -15.47 8.89 -19.43
CA PRO A 216 -15.55 8.98 -17.97
C PRO A 216 -16.80 8.34 -17.37
N GLU A 217 -17.89 8.31 -18.15
CA GLU A 217 -19.10 7.64 -17.68
C GLU A 217 -18.87 6.16 -17.37
N ASN A 218 -17.83 5.54 -17.99
CA ASN A 218 -17.62 4.10 -17.85
C ASN A 218 -16.65 3.74 -16.74
N VAL A 219 -16.07 4.72 -16.03
CA VAL A 219 -15.12 4.46 -14.96
C VAL A 219 -15.49 5.25 -13.70
N SER A 220 -14.90 4.87 -12.56
CA SER A 220 -15.13 5.57 -11.30
C SER A 220 -13.95 5.36 -10.37
N GLU A 221 -13.95 6.11 -9.27
CA GLU A 221 -13.04 5.93 -8.14
C GLU A 221 -11.61 5.95 -8.65
N ASP A 222 -10.78 5.02 -8.17
CA ASP A 222 -9.35 5.00 -8.43
C ASP A 222 -9.07 4.95 -9.94
N SER A 223 -9.84 4.14 -10.67
CA SER A 223 -9.68 3.99 -12.11
C SER A 223 -9.83 5.33 -12.82
N ALA A 224 -10.92 6.05 -12.53
CA ALA A 224 -11.14 7.37 -13.08
C ALA A 224 -9.96 8.27 -12.78
N PHE A 225 -9.47 8.22 -11.54
CA PHE A 225 -8.39 9.09 -11.11
C PHE A 225 -7.11 8.81 -11.92
N TYR A 226 -6.72 7.54 -12.03
CA TYR A 226 -5.55 7.17 -12.82
C TYR A 226 -5.68 7.60 -14.28
N LEU A 227 -6.88 7.50 -14.84
CA LEU A 227 -7.10 7.90 -16.22
C LEU A 227 -6.96 9.41 -16.39
N GLY A 228 -7.30 10.17 -15.34
CA GLY A 228 -6.97 11.59 -15.27
C GLY A 228 -5.48 11.86 -15.34
N VAL A 229 -4.70 11.15 -14.53
CA VAL A 229 -3.26 11.28 -14.51
C VAL A 229 -2.68 10.93 -15.88
N ASN A 230 -3.19 9.85 -16.47
CA ASN A 230 -2.81 9.43 -17.82
C ASN A 230 -3.05 10.57 -18.81
N ALA A 231 -4.25 11.13 -18.81
CA ALA A 231 -4.58 12.21 -19.72
C ALA A 231 -3.63 13.40 -19.55
N LEU A 232 -3.27 13.76 -18.31
CA LEU A 232 -2.31 14.82 -18.08
C LEU A 232 -0.96 14.54 -18.75
N THR A 233 -0.48 13.28 -18.73
CA THR A 233 0.84 12.98 -19.30
C THR A 233 0.86 13.20 -20.81
N TYR A 234 -0.30 13.15 -21.49
CA TYR A 234 -0.44 13.40 -22.91
C TYR A 234 -0.94 14.82 -23.17
N ASP A 235 -0.94 15.66 -22.12
CA ASP A 235 -1.44 17.03 -22.14
C ASP A 235 -2.87 17.14 -22.68
N LYS A 236 -3.73 16.18 -22.35
CA LYS A 236 -5.14 16.26 -22.69
C LYS A 236 -5.92 16.75 -21.46
N THR A 237 -5.87 18.06 -21.22
CA THR A 237 -6.27 18.62 -19.93
C THR A 237 -7.80 18.63 -19.76
N GLU A 238 -8.56 18.84 -20.85
CA GLU A 238 -10.01 18.73 -20.78
C GLU A 238 -10.45 17.30 -20.45
N LEU A 239 -9.84 16.29 -21.10
CA LEU A 239 -10.16 14.90 -20.79
C LEU A 239 -9.77 14.61 -19.33
N ALA A 240 -8.64 15.16 -18.90
CA ALA A 240 -8.15 14.92 -17.55
C ALA A 240 -9.16 15.45 -16.55
N TYR A 241 -9.59 16.69 -16.75
CA TYR A 241 -10.60 17.29 -15.88
C TYR A 241 -11.85 16.41 -15.73
N ASP A 242 -12.39 15.91 -16.86
CA ASP A 242 -13.58 15.06 -16.84
C ASP A 242 -13.35 13.79 -16.02
N PHE A 243 -12.17 13.15 -16.17
CA PHE A 243 -11.88 11.98 -15.36
C PHE A 243 -11.81 12.33 -13.88
N PHE A 244 -11.10 13.41 -13.54
CA PHE A 244 -10.90 13.78 -12.14
C PHE A 244 -12.24 14.15 -11.49
N LYS A 245 -13.12 14.76 -12.28
CA LYS A 245 -14.44 15.13 -11.81
C LYS A 245 -15.24 13.88 -11.50
N LYS A 246 -15.15 12.86 -12.37
CA LYS A 246 -15.86 11.61 -12.13
C LYS A 246 -15.30 10.93 -10.87
N ALA A 247 -13.99 10.96 -10.70
CA ALA A 247 -13.36 10.41 -9.51
C ALA A 247 -13.88 11.13 -8.24
N ALA A 248 -13.93 12.47 -8.29
CA ALA A 248 -14.36 13.27 -7.14
C ALA A 248 -15.78 12.89 -6.73
N GLN A 249 -16.64 12.63 -7.73
CA GLN A 249 -18.04 12.32 -7.49
C GLN A 249 -18.26 10.90 -6.98
N SER A 250 -17.27 10.00 -7.14
CA SER A 250 -17.49 8.59 -6.85
C SER A 250 -16.63 8.09 -5.71
N PHE A 251 -15.52 8.77 -5.38
CA PHE A 251 -14.63 8.26 -4.37
C PHE A 251 -15.36 8.11 -3.04
N LYS A 252 -15.10 7.00 -2.33
CA LYS A 252 -15.67 6.75 -1.01
C LYS A 252 -14.99 7.60 0.07
N SER A 253 -13.66 7.81 -0.02
CA SER A 253 -12.96 8.50 1.05
C SER A 253 -12.79 9.99 0.74
N GLN A 254 -12.99 10.85 1.76
CA GLN A 254 -12.92 12.28 1.60
C GLN A 254 -11.51 12.70 1.17
N SER A 255 -10.47 12.05 1.70
CA SER A 255 -9.09 12.36 1.35
C SER A 255 -8.87 12.17 -0.15
N ASN A 256 -9.38 11.05 -0.71
CA ASN A 256 -9.22 10.79 -2.14
C ASN A 256 -10.05 11.76 -2.97
N LYS A 257 -11.27 12.05 -2.52
CA LYS A 257 -12.09 13.07 -3.16
C LYS A 257 -11.35 14.41 -3.25
N ASP A 258 -10.74 14.83 -2.14
CA ASP A 258 -9.96 16.07 -2.09
C ASP A 258 -8.81 16.06 -3.11
N ASN A 259 -8.11 14.93 -3.24
CA ASN A 259 -7.03 14.79 -4.22
C ASN A 259 -7.58 15.05 -5.64
N ALA A 260 -8.76 14.50 -5.95
CA ALA A 260 -9.37 14.68 -7.28
C ALA A 260 -9.85 16.12 -7.50
N ILE A 261 -10.47 16.73 -6.48
CA ILE A 261 -10.89 18.12 -6.57
C ILE A 261 -9.70 19.06 -6.74
N PHE A 262 -8.58 18.76 -6.08
CA PHE A 262 -7.37 19.53 -6.30
C PHE A 262 -6.96 19.55 -7.77
N TRP A 263 -7.04 18.38 -8.45
CA TRP A 263 -6.69 18.33 -9.86
C TRP A 263 -7.69 19.11 -10.72
N MET A 264 -8.99 18.99 -10.39
CA MET A 264 -10.01 19.78 -11.07
C MET A 264 -9.62 21.26 -11.03
N TRP A 265 -9.24 21.71 -9.84
CA TRP A 265 -8.85 23.10 -9.61
C TRP A 265 -7.57 23.47 -10.38
N LEU A 266 -6.50 22.69 -10.24
CA LEU A 266 -5.26 22.98 -10.95
C LEU A 266 -5.45 23.10 -12.46
N ILE A 267 -6.38 22.32 -13.02
CA ILE A 267 -6.57 22.27 -14.47
C ILE A 267 -7.42 23.46 -14.92
N LYS A 268 -8.57 23.70 -14.28
CA LYS A 268 -9.54 24.66 -14.81
C LYS A 268 -9.68 25.91 -13.93
N ASN A 269 -9.19 25.88 -12.69
CA ASN A 269 -9.17 27.04 -11.80
C ASN A 269 -10.56 27.58 -11.51
N ASN A 270 -11.57 26.71 -11.39
CA ASN A 270 -12.86 27.14 -10.88
C ASN A 270 -12.72 27.39 -9.39
N GLU A 271 -13.03 28.61 -8.94
CA GLU A 271 -12.82 28.96 -7.54
C GLU A 271 -13.81 28.24 -6.63
N GLU A 272 -14.94 27.74 -7.14
CA GLU A 272 -15.82 26.94 -6.31
C GLU A 272 -15.18 25.59 -5.94
N ASP A 273 -14.33 25.04 -6.81
CA ASP A 273 -13.64 23.77 -6.53
C ASP A 273 -12.63 23.99 -5.41
N LEU A 274 -11.88 25.09 -5.47
CA LEU A 274 -10.90 25.37 -4.44
C LEU A 274 -11.55 25.68 -3.10
N LYS A 275 -12.70 26.36 -3.14
CA LYS A 275 -13.44 26.63 -1.93
C LYS A 275 -13.91 25.34 -1.28
N THR A 276 -14.48 24.42 -2.07
CA THR A 276 -14.92 23.14 -1.54
C THR A 276 -13.75 22.38 -0.89
N LEU A 277 -12.61 22.37 -1.59
CA LEU A 277 -11.40 21.73 -1.07
C LEU A 277 -10.96 22.37 0.25
N SER A 278 -11.01 23.73 0.37
CA SER A 278 -10.55 24.39 1.58
C SER A 278 -11.49 24.13 2.77
N GLN A 279 -12.72 23.72 2.51
CA GLN A 279 -13.67 23.46 3.60
C GLN A 279 -13.76 21.97 3.93
N SER A 280 -12.86 21.13 3.37
CA SER A 280 -12.91 19.70 3.59
C SER A 280 -12.77 19.35 5.08
N SER A 281 -13.50 18.32 5.50
CA SER A 281 -13.36 17.72 6.83
C SER A 281 -12.09 16.86 6.93
N SER A 282 -11.48 16.52 5.79
CA SER A 282 -10.28 15.70 5.79
C SER A 282 -9.05 16.61 5.82
N LEU A 283 -8.13 16.29 6.73
CA LEU A 283 -6.86 16.97 6.80
C LEU A 283 -5.85 16.17 5.97
N ASN A 284 -5.48 16.74 4.83
CA ASN A 284 -4.52 16.14 3.90
C ASN A 284 -3.78 17.30 3.26
N ILE A 285 -2.75 17.01 2.44
CA ILE A 285 -1.97 18.06 1.84
C ILE A 285 -2.79 18.98 0.92
N TYR A 286 -3.83 18.46 0.26
CA TYR A 286 -4.63 19.21 -0.70
C TYR A 286 -5.53 20.21 0.02
N SER A 287 -6.19 19.76 1.07
CA SER A 287 -7.04 20.64 1.87
C SER A 287 -6.21 21.66 2.63
N LEU A 288 -5.02 21.27 3.14
CA LEU A 288 -4.10 22.21 3.79
C LEU A 288 -3.64 23.27 2.81
N TYR A 289 -3.25 22.85 1.59
CA TYR A 289 -2.81 23.80 0.58
C TYR A 289 -3.93 24.77 0.20
N ALA A 290 -5.14 24.23 0.02
CA ALA A 290 -6.29 25.04 -0.36
C ALA A 290 -6.60 26.09 0.73
N LYS A 291 -6.46 25.71 2.00
CA LYS A 291 -6.70 26.63 3.10
C LYS A 291 -5.68 27.75 3.08
N GLU A 292 -4.43 27.40 2.82
CA GLU A 292 -3.36 28.38 2.73
C GLU A 292 -3.59 29.36 1.57
N LEU A 293 -4.02 28.86 0.39
CA LEU A 293 -4.25 29.71 -0.78
C LEU A 293 -5.41 30.68 -0.57
N THR A 294 -6.35 30.35 0.32
CA THR A 294 -7.60 31.11 0.47
C THR A 294 -7.64 31.86 1.80
N ASN A 295 -6.50 31.92 2.51
CA ASN A 295 -6.42 32.59 3.81
C ASN A 295 -7.44 32.03 4.80
N THR A 296 -7.68 30.70 4.74
CA THR A 296 -8.57 30.01 5.65
C THR A 296 -7.75 29.58 6.86
N PRO A 297 -8.30 29.70 8.10
CA PRO A 297 -7.58 29.28 9.31
C PRO A 297 -7.18 27.81 9.28
N PHE A 298 -6.04 27.53 9.91
CA PHE A 298 -5.52 26.18 10.07
C PHE A 298 -6.56 25.30 10.77
N PRO A 299 -6.76 24.00 10.40
CA PRO A 299 -7.83 23.22 11.01
C PRO A 299 -7.57 23.03 12.50
N LYS A 300 -8.65 22.75 13.22
CA LYS A 300 -8.62 22.53 14.66
C LYS A 300 -8.00 21.18 14.98
N ILE A 301 -6.99 21.19 15.85
CA ILE A 301 -6.34 19.98 16.31
C ILE A 301 -6.79 19.69 17.75
N GLU A 302 -7.29 18.47 18.00
CA GLU A 302 -7.73 18.10 19.34
C GLU A 302 -6.57 18.19 20.32
N SER A 303 -6.93 18.40 21.59
CA SER A 303 -5.97 18.46 22.66
C SER A 303 -6.34 17.42 23.72
N LEU A 304 -5.46 16.42 23.90
CA LEU A 304 -5.67 15.33 24.83
C LEU A 304 -4.70 15.48 25.99
N ASN A 305 -5.22 15.62 27.20
CA ASN A 305 -4.36 15.71 28.37
C ASN A 305 -5.03 14.97 29.52
N PRO A 306 -4.95 13.62 29.54
CA PRO A 306 -5.58 12.83 30.59
C PRO A 306 -5.02 13.19 31.97
N SER A 307 -5.90 13.38 32.96
CA SER A 307 -5.47 13.71 34.31
C SER A 307 -4.99 12.45 35.05
N LYS A 308 -5.68 11.30 34.88
CA LYS A 308 -5.23 10.05 35.47
C LYS A 308 -3.87 9.67 34.87
N LYS A 309 -2.96 9.16 35.71
CA LYS A 309 -1.56 9.03 35.32
C LYS A 309 -1.31 7.63 34.74
N LYS A 310 -1.89 6.58 35.34
CA LYS A 310 -1.58 5.22 34.90
C LYS A 310 -2.78 4.30 35.08
N ASN A 311 -2.68 3.14 34.42
CA ASN A 311 -3.52 1.99 34.72
C ASN A 311 -2.62 0.76 34.75
N ASN A 312 -3.21 -0.42 34.57
CA ASN A 312 -2.50 -1.68 34.77
C ASN A 312 -1.85 -2.16 33.47
N PHE A 313 -2.18 -1.51 32.35
CA PHE A 313 -1.81 -2.03 31.04
C PHE A 313 -0.30 -1.93 30.86
N ASN A 314 0.28 -3.02 30.34
CA ASN A 314 1.69 -3.07 30.02
C ASN A 314 1.91 -2.65 28.56
N MET A 315 2.45 -1.44 28.38
CA MET A 315 2.67 -0.83 27.08
C MET A 315 3.91 -1.45 26.43
N GLN A 316 4.59 -2.36 27.15
CA GLN A 316 5.76 -3.00 26.58
C GLN A 316 5.48 -4.46 26.24
N ASP A 317 4.23 -4.92 26.39
CA ASP A 317 3.87 -6.29 26.08
C ASP A 317 3.24 -6.38 24.68
N PRO A 318 3.91 -6.97 23.66
CA PRO A 318 3.36 -7.01 22.31
C PRO A 318 2.07 -7.82 22.18
N PHE A 319 1.95 -8.90 22.97
CA PHE A 319 0.77 -9.75 22.98
C PHE A 319 -0.45 -9.01 23.55
N ALA A 320 -0.25 -8.19 24.58
CA ALA A 320 -1.33 -7.41 25.17
C ALA A 320 -1.87 -6.38 24.17
N TRP A 321 -0.98 -5.79 23.36
CA TRP A 321 -1.42 -4.88 22.31
C TRP A 321 -2.24 -5.60 21.25
N GLN A 322 -1.79 -6.76 20.76
CA GLN A 322 -2.53 -7.48 19.73
C GLN A 322 -3.97 -7.74 20.20
N LYS A 323 -4.11 -8.12 21.46
CA LYS A 323 -5.39 -8.44 22.08
C LYS A 323 -6.31 -7.20 22.14
N ILE A 324 -5.78 -6.08 22.63
CA ILE A 324 -6.59 -4.88 22.79
C ILE A 324 -6.90 -4.28 21.43
N ASN A 325 -6.00 -4.41 20.45
CA ASN A 325 -6.24 -3.89 19.11
C ASN A 325 -7.43 -4.60 18.46
N LYS A 326 -7.49 -5.92 18.67
CA LYS A 326 -8.54 -6.73 18.09
C LYS A 326 -9.90 -6.30 18.65
N GLN A 327 -9.97 -6.14 19.98
CA GLN A 327 -11.14 -5.63 20.68
C GLN A 327 -11.56 -4.26 20.15
N ILE A 328 -10.61 -3.33 20.06
CA ILE A 328 -10.92 -1.98 19.58
C ILE A 328 -11.52 -2.06 18.18
N ARG A 329 -10.96 -2.90 17.29
CA ARG A 329 -11.40 -2.95 15.91
C ARG A 329 -12.73 -3.70 15.75
N ASP A 330 -13.10 -4.54 16.72
CA ASP A 330 -14.36 -5.26 16.68
C ASP A 330 -15.39 -4.60 17.60
N ALA A 331 -15.05 -3.45 18.22
CA ALA A 331 -15.96 -2.84 19.19
C ALA A 331 -17.06 -2.05 18.45
N ASN A 332 -18.30 -2.23 18.92
CA ASN A 332 -19.46 -1.47 18.46
C ASN A 332 -19.31 -0.04 18.96
N ALA A 333 -20.18 0.87 18.49
CA ALA A 333 -20.21 2.27 18.91
C ALA A 333 -20.15 2.41 20.44
N SER A 334 -20.86 1.54 21.17
CA SER A 334 -20.93 1.57 22.62
C SER A 334 -19.64 1.10 23.28
N GLN A 335 -19.06 -0.02 22.82
CA GLN A 335 -17.92 -0.63 23.49
C GLN A 335 -16.68 0.27 23.40
N LEU A 336 -16.55 1.05 22.32
CA LEU A 336 -15.49 2.03 22.16
C LEU A 336 -15.51 3.03 23.32
N ASP A 337 -16.70 3.49 23.74
CA ASP A 337 -16.84 4.44 24.84
C ASP A 337 -16.32 3.84 26.13
N VAL A 338 -16.47 2.53 26.28
CA VAL A 338 -16.01 1.85 27.49
C VAL A 338 -14.48 1.78 27.51
N LEU A 339 -13.87 1.46 26.36
CA LEU A 339 -12.42 1.32 26.26
C LEU A 339 -11.76 2.70 26.38
N ALA A 340 -12.39 3.72 25.80
CA ALA A 340 -11.90 5.09 25.86
C ALA A 340 -11.63 5.49 27.32
N LYS A 341 -12.60 5.25 28.20
CA LYS A 341 -12.48 5.66 29.59
C LYS A 341 -11.36 4.88 30.27
N GLU A 342 -11.29 3.58 29.95
CA GLU A 342 -10.33 2.68 30.59
C GLU A 342 -8.90 3.12 30.26
N PHE A 343 -8.66 3.60 29.04
CA PHE A 343 -7.32 3.93 28.56
C PHE A 343 -7.05 5.45 28.59
N ASP A 344 -7.94 6.20 29.26
CA ASP A 344 -7.80 7.65 29.40
C ASP A 344 -6.79 7.96 30.50
N THR A 345 -5.52 7.59 30.26
CA THR A 345 -4.44 7.84 31.18
C THR A 345 -3.25 8.37 30.38
N GLN A 346 -2.31 8.98 31.11
CA GLN A 346 -1.07 9.49 30.52
C GLN A 346 -0.25 8.32 29.98
N GLU A 347 -0.17 7.24 30.77
CA GLU A 347 0.64 6.08 30.43
C GLU A 347 0.12 5.42 29.14
N THR A 348 -1.20 5.42 28.93
CA THR A 348 -1.76 4.77 27.75
C THR A 348 -2.30 5.81 26.76
N LEU A 349 -1.69 7.02 26.74
CA LEU A 349 -2.13 8.06 25.83
C LEU A 349 -2.20 7.57 24.38
N PRO A 350 -1.21 6.83 23.82
CA PRO A 350 -1.31 6.36 22.44
C PRO A 350 -2.53 5.48 22.16
N ILE A 351 -2.87 4.60 23.11
CA ILE A 351 -4.07 3.77 22.98
C ILE A 351 -5.32 4.66 23.05
N TYR A 352 -5.35 5.62 23.97
CA TYR A 352 -6.49 6.53 24.11
C TYR A 352 -6.79 7.23 22.79
N ALA A 353 -5.76 7.85 22.17
CA ALA A 353 -5.94 8.60 20.94
C ALA A 353 -6.34 7.66 19.79
N TYR A 354 -5.83 6.42 19.82
CA TYR A 354 -6.18 5.42 18.82
C TYR A 354 -7.68 5.14 18.88
N ILE A 355 -8.22 4.92 20.09
CA ILE A 355 -9.62 4.64 20.31
C ILE A 355 -10.48 5.83 19.87
N LEU A 356 -10.12 7.05 20.30
CA LEU A 356 -10.89 8.25 20.01
C LEU A 356 -11.00 8.48 18.50
N GLU A 357 -9.91 8.23 17.77
CA GLU A 357 -9.88 8.43 16.33
C GLU A 357 -10.95 7.55 15.66
N ARG A 358 -11.04 6.29 16.10
CA ARG A 358 -12.06 5.36 15.60
C ARG A 358 -13.44 5.73 16.15
N LYS A 359 -13.52 6.11 17.42
CA LYS A 359 -14.77 6.39 18.13
C LYS A 359 -15.50 7.59 17.53
N ASN A 360 -14.75 8.58 17.04
CA ASN A 360 -15.29 9.80 16.47
C ASN A 360 -15.43 9.66 14.95
N ASN A 361 -15.45 8.41 14.47
CA ASN A 361 -15.58 8.08 13.05
C ASN A 361 -14.68 8.97 12.19
N PHE A 362 -13.46 9.24 12.70
CA PHE A 362 -12.37 9.83 11.94
C PHE A 362 -12.64 11.30 11.59
N LYS A 363 -13.50 12.00 12.36
CA LYS A 363 -13.86 13.39 12.08
C LYS A 363 -12.97 14.37 12.85
N LYS A 364 -12.38 13.92 13.95
CA LYS A 364 -11.53 14.79 14.74
C LYS A 364 -10.07 14.49 14.39
N HIS A 365 -9.20 15.50 14.51
CA HIS A 365 -7.78 15.39 14.20
C HIS A 365 -6.92 15.21 15.46
N TYR A 366 -6.31 14.03 15.63
CA TYR A 366 -5.47 13.76 16.79
C TYR A 366 -4.01 13.67 16.39
N PHE A 367 -3.21 14.53 17.02
CA PHE A 367 -1.80 14.71 16.71
C PHE A 367 -1.06 14.78 18.03
N ILE A 368 -0.90 13.61 18.67
CA ILE A 368 -0.30 13.52 19.98
C ILE A 368 1.22 13.54 19.85
N MET A 369 1.88 13.79 21.00
CA MET A 369 3.33 13.89 21.07
C MET A 369 3.80 13.11 22.28
N PRO A 370 3.65 11.77 22.28
CA PRO A 370 4.01 10.97 23.45
C PRO A 370 5.51 10.77 23.60
N TYR A 371 5.93 10.49 24.84
CA TYR A 371 7.34 10.23 25.17
C TYR A 371 8.20 11.42 24.70
N TYR A 372 7.64 12.62 24.85
CA TYR A 372 8.20 13.84 24.28
C TYR A 372 9.59 14.18 24.86
N ASP A 373 9.85 13.79 26.11
CA ASP A 373 11.13 14.07 26.74
C ASP A 373 12.29 13.52 25.92
N ASN A 374 12.04 12.48 25.10
CA ASN A 374 13.08 11.90 24.28
C ASN A 374 13.41 12.76 23.05
N ILE A 375 12.53 13.69 22.64
CA ILE A 375 12.85 14.46 21.44
C ILE A 375 12.92 15.97 21.68
N LYS A 376 12.65 16.43 22.90
CA LYS A 376 12.46 17.86 23.15
C LYS A 376 13.74 18.66 22.91
N ASP A 377 14.90 17.99 22.87
CA ASP A 377 16.17 18.67 22.71
C ASP A 377 16.59 18.74 21.23
N TYR A 378 15.87 18.04 20.35
CA TYR A 378 16.09 18.21 18.92
C TYR A 378 15.46 19.53 18.49
N ASN A 379 15.90 20.09 17.36
CA ASN A 379 15.24 21.29 16.86
C ASN A 379 13.83 20.91 16.39
N LYS A 380 12.95 21.92 16.37
CA LYS A 380 11.52 21.75 16.20
C LYS A 380 11.19 21.09 14.85
N THR A 381 11.95 21.42 13.81
CA THR A 381 11.73 20.91 12.47
C THR A 381 11.97 19.40 12.48
N ARG A 382 12.99 18.98 13.21
CA ARG A 382 13.38 17.58 13.34
C ARG A 382 12.33 16.84 14.18
N GLN A 383 11.87 17.44 15.28
CA GLN A 383 10.83 16.89 16.10
C GLN A 383 9.59 16.59 15.24
N ALA A 384 9.24 17.54 14.38
CA ALA A 384 8.03 17.43 13.60
C ALA A 384 8.12 16.26 12.62
N LEU A 385 9.28 16.10 11.99
CA LEU A 385 9.52 15.02 11.04
C LEU A 385 9.46 13.65 11.74
N ILE A 386 10.11 13.55 12.90
CA ILE A 386 10.05 12.34 13.71
C ILE A 386 8.60 12.02 14.06
N LEU A 387 7.86 13.00 14.57
CA LEU A 387 6.49 12.78 14.99
C LEU A 387 5.59 12.44 13.79
N ALA A 388 5.88 13.04 12.62
CA ALA A 388 5.07 12.84 11.44
C ALA A 388 5.20 11.40 10.93
N ILE A 389 6.43 10.89 11.01
CA ILE A 389 6.73 9.52 10.58
C ILE A 389 6.08 8.56 11.58
N ALA A 390 6.27 8.79 12.88
CA ALA A 390 5.74 7.90 13.90
C ALA A 390 4.20 7.81 13.83
N ARG A 391 3.55 8.95 13.60
CA ARG A 391 2.10 8.98 13.53
C ARG A 391 1.61 8.02 12.43
N GLN A 392 2.20 8.07 11.25
CA GLN A 392 1.77 7.26 10.12
C GLN A 392 2.22 5.80 10.30
N GLU A 393 3.40 5.57 10.88
CA GLU A 393 3.99 4.23 10.97
C GLU A 393 3.22 3.38 11.97
N SER A 394 2.78 3.97 13.08
CA SER A 394 2.35 3.19 14.21
C SER A 394 1.21 3.80 15.01
N ARG A 395 0.84 5.07 14.76
CA ARG A 395 0.03 5.83 15.69
C ARG A 395 0.65 5.81 17.10
N PHE A 396 1.98 5.74 17.18
CA PHE A 396 2.72 5.81 18.43
C PHE A 396 2.49 4.60 19.36
N ILE A 397 2.05 3.45 18.83
CA ILE A 397 1.92 2.24 19.63
C ILE A 397 3.31 1.62 19.80
N PRO A 398 3.85 1.55 21.03
CA PRO A 398 5.24 1.14 21.20
C PRO A 398 5.56 -0.26 20.68
N THR A 399 4.61 -1.20 20.81
CA THR A 399 4.84 -2.59 20.38
C THR A 399 4.15 -2.92 19.05
N ALA A 400 3.96 -1.91 18.20
CA ALA A 400 3.42 -2.12 16.86
C ALA A 400 4.30 -3.07 16.06
N ILE A 401 3.64 -3.99 15.34
CA ILE A 401 4.31 -4.93 14.45
C ILE A 401 3.57 -4.98 13.11
N SER A 402 4.31 -4.80 12.02
CA SER A 402 3.69 -4.81 10.70
C SER A 402 3.66 -6.25 10.17
N VAL A 403 3.01 -6.42 9.00
CA VAL A 403 2.95 -7.72 8.36
C VAL A 403 4.34 -8.16 7.89
N SER A 404 5.29 -7.22 7.75
CA SER A 404 6.66 -7.56 7.39
C SER A 404 7.58 -7.59 8.63
N TYR A 405 6.98 -7.51 9.81
CA TYR A 405 7.62 -7.53 11.12
C TYR A 405 8.55 -6.32 11.31
N ALA A 406 8.17 -5.16 10.73
CA ALA A 406 8.76 -3.90 11.18
C ALA A 406 8.26 -3.64 12.60
N LEU A 407 9.10 -3.02 13.44
CA LEU A 407 8.92 -2.99 14.88
C LEU A 407 8.87 -1.57 15.47
N GLY A 408 7.96 -1.41 16.43
CA GLY A 408 7.86 -0.28 17.35
C GLY A 408 7.25 0.96 16.69
N MET A 409 7.32 2.09 17.40
CA MET A 409 6.72 3.35 16.96
C MET A 409 7.24 3.84 15.62
N MET A 410 8.52 3.58 15.31
CA MET A 410 9.16 4.09 14.11
C MET A 410 9.25 2.98 13.06
N GLN A 411 8.73 1.79 13.38
CA GLN A 411 8.59 0.71 12.42
C GLN A 411 9.90 0.43 11.66
N PHE A 412 10.95 0.13 12.43
CA PHE A 412 12.22 -0.32 11.89
C PHE A 412 12.14 -1.79 11.45
N MET A 413 12.69 -2.07 10.26
CA MET A 413 12.92 -3.45 9.86
C MET A 413 14.05 -4.01 10.72
N PRO A 414 13.99 -5.29 11.15
CA PRO A 414 15.05 -5.89 11.96
C PRO A 414 16.48 -5.72 11.45
N PHE A 415 16.68 -5.82 10.12
CA PHE A 415 18.00 -5.73 9.55
C PHE A 415 18.63 -4.37 9.87
N LEU A 416 17.87 -3.29 9.66
CA LEU A 416 18.39 -1.96 9.88
C LEU A 416 18.51 -1.70 11.38
N ALA A 417 17.56 -2.19 12.18
CA ALA A 417 17.61 -2.05 13.63
C ALA A 417 18.91 -2.64 14.18
N ASN A 418 19.30 -3.82 13.68
CA ASN A 418 20.49 -4.52 14.19
C ASN A 418 21.75 -3.81 13.70
N HIS A 419 21.75 -3.33 12.46
CA HIS A 419 22.89 -2.60 11.94
C HIS A 419 23.16 -1.38 12.82
N ILE A 420 22.12 -0.59 13.11
CA ILE A 420 22.30 0.62 13.91
C ILE A 420 22.68 0.25 15.35
N GLY A 421 21.95 -0.70 15.94
CA GLY A 421 22.05 -1.01 17.35
C GLY A 421 23.37 -1.71 17.72
N GLU A 422 23.84 -2.61 16.84
CA GLU A 422 24.99 -3.48 17.13
C GLU A 422 26.25 -2.90 16.49
N LYS A 423 26.18 -2.58 15.20
CA LYS A 423 27.38 -2.18 14.49
C LYS A 423 27.68 -0.70 14.72
N GLU A 424 26.68 0.20 14.58
CA GLU A 424 26.95 1.63 14.63
C GLU A 424 27.00 2.11 16.08
N LEU A 425 25.95 1.86 16.87
CA LEU A 425 25.87 2.45 18.20
C LEU A 425 26.46 1.52 19.25
N LYS A 426 26.66 0.25 18.88
CA LYS A 426 27.29 -0.75 19.73
C LYS A 426 26.66 -0.80 21.12
N ILE A 427 25.32 -0.70 21.16
CA ILE A 427 24.60 -0.75 22.43
C ILE A 427 24.80 -2.12 23.06
N PRO A 428 25.25 -2.18 24.35
CA PRO A 428 25.51 -3.47 25.00
C PRO A 428 24.23 -4.30 25.14
N ASN A 429 24.33 -5.59 24.78
CA ASN A 429 23.25 -6.56 24.90
C ASN A 429 22.06 -6.16 24.01
N PHE A 430 22.35 -5.47 22.89
CA PHE A 430 21.30 -4.99 22.00
C PHE A 430 20.51 -6.18 21.47
N ASP A 431 19.18 -6.07 21.51
CA ASP A 431 18.30 -6.96 20.77
C ASP A 431 17.31 -6.09 19.97
N GLN A 432 16.95 -6.55 18.77
CA GLN A 432 15.99 -5.87 17.90
C GLN A 432 14.70 -5.49 18.63
N ASP A 433 14.29 -6.23 19.66
CA ASP A 433 13.09 -5.89 20.41
C ASP A 433 13.28 -4.59 21.20
N PHE A 434 14.51 -4.08 21.32
CA PHE A 434 14.69 -2.76 21.91
C PHE A 434 13.92 -1.68 21.12
N MET A 435 13.61 -1.93 19.85
CA MET A 435 12.85 -1.00 19.02
C MET A 435 11.45 -0.75 19.59
N PHE A 436 10.97 -1.61 20.49
CA PHE A 436 9.70 -1.40 21.18
C PHE A 436 9.79 -0.37 22.30
N LYS A 437 11.02 0.03 22.69
CA LYS A 437 11.18 1.06 23.71
C LYS A 437 11.17 2.42 23.01
N PRO A 438 10.28 3.35 23.41
CA PRO A 438 10.20 4.66 22.75
C PRO A 438 11.51 5.44 22.69
N GLU A 439 12.33 5.39 23.76
CA GLU A 439 13.63 6.09 23.73
C GLU A 439 14.48 5.55 22.60
N ILE A 440 14.41 4.25 22.37
CA ILE A 440 15.25 3.66 21.35
C ILE A 440 14.68 4.02 19.96
N ALA A 441 13.36 3.87 19.82
CA ALA A 441 12.72 4.14 18.53
C ALA A 441 13.03 5.58 18.09
N TYR A 442 12.82 6.55 18.97
CA TYR A 442 13.01 7.96 18.63
C TYR A 442 14.49 8.23 18.32
N TYR A 443 15.38 7.60 19.09
CA TYR A 443 16.82 7.83 18.93
C TYR A 443 17.28 7.25 17.60
N PHE A 444 16.86 6.01 17.29
CA PHE A 444 17.21 5.41 16.02
C PHE A 444 16.55 6.15 14.85
N GLY A 445 15.30 6.57 15.04
CA GLY A 445 14.60 7.35 14.02
C GLY A 445 15.37 8.64 13.69
N ASN A 446 15.76 9.36 14.74
CA ASN A 446 16.57 10.56 14.56
C ASN A 446 17.86 10.23 13.80
N TYR A 447 18.54 9.15 14.20
CA TYR A 447 19.79 8.75 13.57
C TYR A 447 19.59 8.47 12.08
N HIS A 448 18.55 7.70 11.73
CA HIS A 448 18.35 7.36 10.33
C HIS A 448 17.87 8.59 9.54
N LEU A 449 17.01 9.40 10.15
CA LEU A 449 16.51 10.60 9.47
C LEU A 449 17.65 11.57 9.16
N ASN A 450 18.65 11.67 10.06
CA ASN A 450 19.87 12.43 9.77
C ASN A 450 20.56 11.95 8.50
N TYR A 451 20.73 10.64 8.37
CA TYR A 451 21.35 10.09 7.17
C TYR A 451 20.54 10.52 5.93
N LEU A 452 19.22 10.36 5.98
CA LEU A 452 18.40 10.54 4.79
C LEU A 452 18.32 12.03 4.41
N GLU A 453 18.12 12.87 5.43
CA GLU A 453 17.92 14.29 5.19
C GLU A 453 19.18 14.94 4.63
N SER A 454 20.34 14.53 5.14
CA SER A 454 21.60 15.06 4.62
C SER A 454 21.74 14.81 3.12
N ARG A 455 21.19 13.71 2.60
CA ARG A 455 21.29 13.39 1.18
C ARG A 455 20.10 13.93 0.36
N LEU A 456 18.91 14.09 0.96
CA LEU A 456 17.69 14.33 0.17
C LEU A 456 17.04 15.69 0.46
N LYS A 457 17.18 16.18 1.70
CA LYS A 457 16.81 17.54 2.09
C LYS A 457 15.29 17.70 2.31
N SER A 458 14.47 17.53 1.25
CA SER A 458 13.03 17.70 1.38
C SER A 458 12.44 16.66 2.33
N PRO A 459 11.51 17.05 3.23
CA PRO A 459 10.83 16.09 4.11
C PRO A 459 9.99 15.10 3.30
N LEU A 460 9.53 15.48 2.11
CA LEU A 460 8.78 14.55 1.27
C LEU A 460 9.71 13.44 0.75
N PHE A 461 10.90 13.81 0.26
CA PHE A 461 11.86 12.86 -0.28
C PHE A 461 12.38 11.95 0.83
N VAL A 462 12.59 12.52 2.01
CA VAL A 462 13.00 11.77 3.19
C VAL A 462 11.92 10.73 3.54
N ALA A 463 10.63 11.12 3.45
CA ALA A 463 9.54 10.18 3.71
C ALA A 463 9.55 9.05 2.68
N TYR A 464 9.67 9.38 1.39
CA TYR A 464 9.72 8.34 0.36
C TYR A 464 10.84 7.34 0.68
N ALA A 465 12.01 7.85 1.10
CA ALA A 465 13.20 7.04 1.31
C ALA A 465 13.07 6.26 2.61
N TYR A 466 12.38 6.83 3.61
CA TYR A 466 12.19 6.13 4.87
C TYR A 466 11.38 4.85 4.64
N ASN A 467 10.35 4.94 3.79
CA ASN A 467 9.43 3.84 3.56
C ASN A 467 9.97 2.92 2.45
N GLY A 468 10.54 3.50 1.41
CA GLY A 468 10.84 2.78 0.18
C GLY A 468 12.33 2.49 0.00
N GLY A 469 13.20 3.15 0.80
CA GLY A 469 14.65 3.05 0.69
C GLY A 469 15.24 4.18 -0.14
N ILE A 470 16.49 4.56 0.19
CA ILE A 470 17.15 5.67 -0.46
C ILE A 470 17.50 5.30 -1.91
N GLY A 471 17.67 3.99 -2.18
CA GLY A 471 18.00 3.52 -3.52
C GLY A 471 16.89 3.83 -4.53
N PHE A 472 15.65 3.43 -4.18
CA PHE A 472 14.48 3.70 -5.00
C PHE A 472 14.29 5.21 -5.22
N THR A 473 14.50 5.98 -4.15
CA THR A 473 14.27 7.43 -4.16
C THR A 473 15.28 8.12 -5.09
N ASN A 474 16.57 7.76 -4.92
CA ASN A 474 17.64 8.22 -5.80
C ASN A 474 17.33 7.87 -7.25
N ARG A 475 16.88 6.65 -7.54
CA ARG A 475 16.59 6.27 -8.91
C ARG A 475 15.44 7.11 -9.47
N MET A 476 14.41 7.35 -8.66
CA MET A 476 13.30 8.17 -9.13
C MET A 476 13.79 9.61 -9.40
N LEU A 477 14.58 10.18 -8.48
CA LEU A 477 15.01 11.55 -8.64
C LEU A 477 16.03 11.72 -9.77
N ALA A 478 16.67 10.63 -10.22
CA ALA A 478 17.61 10.70 -11.33
C ALA A 478 16.90 10.79 -12.68
N ARG A 479 15.60 10.47 -12.72
CA ARG A 479 14.85 10.47 -13.97
C ARG A 479 14.60 11.90 -14.46
N ASN A 480 14.58 12.06 -15.79
CA ASN A 480 14.34 13.33 -16.47
C ASN A 480 12.93 13.84 -16.25
N ASP A 481 11.99 12.95 -15.92
CA ASP A 481 10.58 13.25 -15.96
C ASP A 481 9.99 13.30 -14.55
N MET A 482 10.82 13.29 -13.50
CA MET A 482 10.29 13.24 -12.14
C MET A 482 10.89 14.39 -11.33
N PHE A 483 9.99 15.21 -10.76
CA PHE A 483 10.33 16.31 -9.87
C PHE A 483 11.24 17.33 -10.54
N LYS A 484 11.01 17.55 -11.84
CA LYS A 484 11.65 18.61 -12.59
C LYS A 484 10.60 19.69 -12.82
N THR A 485 10.94 20.73 -13.58
CA THR A 485 10.02 21.83 -13.80
C THR A 485 8.92 21.39 -14.75
N GLY A 486 7.76 22.01 -14.66
CA GLY A 486 6.65 21.66 -15.52
C GLY A 486 5.38 22.30 -15.00
N LYS A 487 4.42 22.41 -15.92
CA LYS A 487 3.15 23.08 -15.74
C LYS A 487 2.44 22.62 -14.46
N PHE A 488 2.46 21.29 -14.23
CA PHE A 488 1.68 20.69 -13.16
C PHE A 488 2.56 20.10 -12.05
N GLU A 489 3.84 20.53 -12.02
CA GLU A 489 4.81 20.03 -11.06
C GLU A 489 4.74 20.86 -9.79
N PRO A 490 5.08 20.31 -8.59
CA PRO A 490 5.53 18.91 -8.45
C PRO A 490 4.39 17.92 -8.24
N PHE A 491 3.14 18.38 -8.38
CA PHE A 491 1.98 17.55 -8.06
C PHE A 491 1.89 16.32 -8.98
N LEU A 492 2.16 16.49 -10.27
CA LEU A 492 2.07 15.38 -11.21
C LEU A 492 3.06 14.28 -10.80
N SER A 493 4.30 14.65 -10.46
CA SER A 493 5.34 13.72 -10.05
C SER A 493 4.91 12.92 -8.83
N MET A 494 4.22 13.57 -7.88
CA MET A 494 3.72 12.89 -6.70
C MET A 494 2.69 11.81 -7.01
N GLU A 495 1.98 11.91 -8.15
CA GLU A 495 1.02 10.92 -8.59
C GLU A 495 1.73 9.75 -9.32
N LEU A 496 2.99 9.92 -9.70
CA LEU A 496 3.69 8.99 -10.57
C LEU A 496 4.82 8.27 -9.83
N VAL A 497 4.91 8.44 -8.50
CA VAL A 497 5.87 7.73 -7.66
C VAL A 497 5.61 6.24 -7.85
N PRO A 498 6.59 5.46 -8.39
CA PRO A 498 6.26 4.12 -8.90
C PRO A 498 5.86 3.02 -7.93
N TYR A 499 5.97 3.21 -6.61
CA TYR A 499 5.50 2.23 -5.63
C TYR A 499 4.33 2.83 -4.84
N GLN A 500 3.18 2.16 -4.91
CA GLN A 500 1.93 2.65 -4.36
C GLN A 500 2.07 2.97 -2.87
N GLU A 501 2.68 2.07 -2.11
CA GLU A 501 2.78 2.27 -0.68
C GLU A 501 3.57 3.56 -0.37
N SER A 502 4.67 3.79 -1.10
CA SER A 502 5.53 4.96 -0.89
C SER A 502 4.85 6.25 -1.37
N ARG A 503 4.11 6.17 -2.48
CA ARG A 503 3.34 7.29 -3.05
C ARG A 503 2.33 7.85 -2.05
N ILE A 504 1.57 6.93 -1.45
CA ILE A 504 0.58 7.23 -0.43
C ILE A 504 1.26 7.74 0.84
N TYR A 505 2.33 7.04 1.25
CA TYR A 505 3.02 7.34 2.49
C TYR A 505 3.57 8.76 2.50
N GLY A 506 4.16 9.18 1.38
CA GLY A 506 4.76 10.51 1.30
C GLY A 506 3.72 11.62 1.52
N LYS A 507 2.55 11.46 0.88
CA LYS A 507 1.46 12.43 1.01
C LYS A 507 0.99 12.51 2.46
N LYS A 508 0.81 11.37 3.14
CA LYS A 508 0.34 11.36 4.51
C LYS A 508 1.38 11.94 5.45
N VAL A 509 2.66 11.54 5.30
CA VAL A 509 3.66 12.04 6.23
C VAL A 509 3.87 13.55 6.03
N LEU A 510 3.78 14.03 4.80
CA LEU A 510 3.90 15.47 4.55
C LEU A 510 2.81 16.26 5.27
N ALA A 511 1.55 15.80 5.20
CA ALA A 511 0.47 16.42 5.94
C ALA A 511 0.80 16.45 7.42
N ASN A 512 1.24 15.32 7.98
CA ASN A 512 1.51 15.23 9.40
C ASN A 512 2.61 16.23 9.79
N TYR A 513 3.64 16.31 8.95
CA TYR A 513 4.78 17.19 9.17
C TYR A 513 4.34 18.65 9.26
N ILE A 514 3.49 19.08 8.31
CA ILE A 514 2.92 20.42 8.33
C ILE A 514 2.18 20.68 9.65
N VAL A 515 1.31 19.74 10.06
CA VAL A 515 0.56 19.88 11.29
C VAL A 515 1.50 19.99 12.49
N TYR A 516 2.51 19.10 12.61
CA TYR A 516 3.34 19.10 13.80
C TYR A 516 4.20 20.37 13.88
N ARG A 517 4.67 20.85 12.72
CA ARG A 517 5.43 22.09 12.69
C ARG A 517 4.57 23.23 13.24
N HIS A 518 3.30 23.26 12.84
CA HIS A 518 2.34 24.22 13.36
C HIS A 518 2.17 24.09 14.87
N LEU A 519 1.94 22.87 15.35
CA LEU A 519 1.74 22.63 16.77
C LEU A 519 2.96 23.01 17.59
N LEU A 520 4.16 22.92 17.02
CA LEU A 520 5.39 23.21 17.77
C LEU A 520 5.78 24.68 17.64
N ASN A 521 4.88 25.52 17.12
CA ASN A 521 5.17 26.92 16.87
C ASN A 521 6.38 27.07 16.00
N ASP A 522 6.39 26.32 14.89
CA ASP A 522 7.46 26.40 13.93
C ASP A 522 6.87 26.26 12.54
N SER A 523 5.78 27.00 12.30
CA SER A 523 4.97 26.90 11.09
C SER A 523 5.80 27.07 9.85
N ILE A 524 5.44 26.29 8.82
CA ILE A 524 5.94 26.54 7.47
C ILE A 524 4.75 26.50 6.51
N LYS A 525 4.82 27.31 5.45
CA LYS A 525 3.81 27.30 4.41
C LYS A 525 4.03 26.05 3.54
N ILE A 526 2.94 25.30 3.27
CA ILE A 526 3.10 24.10 2.47
C ILE A 526 3.53 24.50 1.07
N SER A 527 3.24 25.74 0.66
CA SER A 527 3.68 26.23 -0.65
C SER A 527 5.21 26.27 -0.76
N ASP A 528 5.92 26.56 0.34
CA ASP A 528 7.38 26.56 0.35
C ASP A 528 7.91 25.14 0.16
N ILE A 529 7.22 24.16 0.76
CA ILE A 529 7.61 22.76 0.58
C ILE A 529 7.51 22.43 -0.90
N PHE A 530 6.39 22.78 -1.53
CA PHE A 530 6.16 22.41 -2.91
C PHE A 530 7.17 23.09 -3.84
N GLU A 531 7.52 24.35 -3.57
CA GLU A 531 8.49 25.07 -4.40
C GLU A 531 9.83 24.37 -4.39
N ASN A 532 10.23 23.86 -3.21
CA ASN A 532 11.54 23.25 -3.01
C ASN A 532 11.60 21.81 -3.54
N LEU A 533 10.50 21.27 -4.08
CA LEU A 533 10.52 19.92 -4.64
C LEU A 533 11.03 19.93 -6.07
N ILE A 534 11.05 21.09 -6.72
CA ILE A 534 11.30 21.11 -8.15
C ILE A 534 12.81 21.04 -8.42
C1 ZHE B . 1.77 -1.28 12.44
C2 ZHE B . 1.85 -1.25 10.95
O1 ZHE B . 1.48 -2.20 10.28
N1 ZHE B . 2.37 -0.15 10.39
C3 ZHE B . 2.51 0.14 8.99
C4 ZHE B . 3.95 0.53 8.66
O2 ZHE B . 4.86 -0.54 8.96
C5 ZHE B . 4.06 0.94 7.19
O3 ZHE B . 5.38 1.41 6.86
C6 ZHE B . 3.07 2.06 6.86
C7 ZHE B . 3.10 2.47 5.43
O4 ZHE B . 2.16 3.51 5.16
O5 ZHE B . 1.75 1.56 7.14
C8 ZHE B . 1.56 1.27 8.52
O6 ZHE B . 0.25 0.88 8.73
C9 ZHE B . -0.68 1.95 8.76
C10 ZHE B . -0.86 2.43 10.19
C11 ZHE B . -1.80 3.63 10.21
C12 ZHE B . -2.10 4.08 11.63
C13 ZHE B . -2.63 2.93 12.47
C14 ZHE B . -1.65 1.77 12.50
C15 ZHE B . -1.36 1.30 11.08
C1 CIT C . -12.71 13.97 21.91
O1 CIT C . -11.73 14.30 21.18
O2 CIT C . -13.42 12.97 21.70
C2 CIT C . -13.05 14.86 23.09
C3 CIT C . -11.87 15.38 23.92
O7 CIT C . -10.87 15.90 23.05
C4 CIT C . -11.28 14.19 24.72
C5 CIT C . -10.15 14.55 25.68
O3 CIT C . -9.71 15.72 25.69
O4 CIT C . -9.72 13.64 26.43
C6 CIT C . -12.40 16.46 24.90
O5 CIT C . -12.17 17.68 24.64
O6 CIT C . -13.04 16.05 25.89
S DMS D . 12.62 1.69 8.66
O DMS D . 13.39 0.36 8.66
C1 DMS D . 13.65 2.85 7.81
C2 DMS D . 11.43 1.44 7.36
S DMS E . -5.56 7.37 -5.52
O DMS E . -6.47 6.82 -4.46
C1 DMS E . -6.40 7.05 -7.02
C2 DMS E . -5.74 9.14 -5.38
S DMS F . -18.88 3.42 -13.68
O DMS F . -19.54 4.68 -13.03
C1 DMS F . -18.53 2.25 -12.37
C2 DMS F . -20.14 2.54 -14.59
#